data_4R7C
#
_entry.id   4R7C
#
_cell.length_a   89.891
_cell.length_b   67.680
_cell.length_c   67.621
_cell.angle_alpha   90.00
_cell.angle_beta   90.00
_cell.angle_gamma   90.00
#
_symmetry.space_group_name_H-M   'P 2 2 21'
#
loop_
_entity.id
_entity.type
_entity.pdbx_description
1 polymer 'Potassium channel protein'
2 non-polymer GLYCINE
3 non-polymer (4S)-2-METHYL-2,4-PENTANEDIOL
4 non-polymer DIMETHYLAMINE
5 water water
#
_entity_poly.entity_id   1
_entity_poly.type   'polypeptide(L)'
_entity_poly.pdbx_seq_one_letter_code
;MAKDKEFQVLFVLTILTLISGTIFYSTVEGLRPIDALYFSVVTLTTVGETPPPQTDFGKIFTILYIFIGIGLVFGFIHKL
AVNVQLPSILSNLVPR
;
_entity_poly.pdbx_strand_id   A,B,C,D
#
loop_
_chem_comp.id
_chem_comp.type
_chem_comp.name
_chem_comp.formula
DMN non-polymer DIMETHYLAMINE 'C2 H7 N'
MPD non-polymer (4S)-2-METHYL-2,4-PENTANEDIOL 'C6 H14 O2'
#
# COMPACT_ATOMS: atom_id res chain seq x y z
N LYS A 3 15.42 11.47 -35.84
CA LYS A 3 15.92 10.10 -35.52
C LYS A 3 16.91 10.21 -34.35
N ASP A 4 18.02 9.50 -34.43
CA ASP A 4 18.98 9.34 -33.35
C ASP A 4 18.68 7.98 -32.71
N LYS A 5 19.76 7.34 -32.29
CA LYS A 5 19.74 6.01 -31.70
C LYS A 5 18.76 5.94 -30.54
N GLU A 6 18.57 7.06 -29.86
CA GLU A 6 17.68 7.13 -28.70
C GLU A 6 16.19 6.93 -29.05
N PHE A 7 15.71 7.71 -30.02
CA PHE A 7 14.34 7.55 -30.52
C PHE A 7 14.13 6.13 -31.03
N GLN A 8 15.05 5.68 -31.86
CA GLN A 8 15.11 4.30 -32.39
C GLN A 8 14.99 3.22 -31.32
N VAL A 9 15.77 3.35 -30.25
CA VAL A 9 15.70 2.41 -29.16
C VAL A 9 14.35 2.50 -28.43
N LEU A 10 13.93 3.74 -28.10
CA LEU A 10 12.63 3.99 -27.46
C LEU A 10 11.52 3.37 -28.29
N PHE A 11 11.61 3.53 -29.61
CA PHE A 11 10.66 2.92 -30.52
C PHE A 11 10.62 1.40 -30.41
N VAL A 12 11.80 0.76 -30.41
CA VAL A 12 11.88 -0.69 -30.30
C VAL A 12 11.29 -1.22 -28.98
N LEU A 13 11.69 -0.59 -27.88
CA LEU A 13 11.20 -0.96 -26.55
C LEU A 13 9.68 -0.88 -26.42
N THR A 14 9.11 0.17 -27.03
CA THR A 14 7.68 0.39 -27.01
C THR A 14 6.96 -0.70 -27.82
N ILE A 15 7.52 -1.04 -28.97
CA ILE A 15 6.98 -2.13 -29.80
C ILE A 15 7.09 -3.46 -29.07
N LEU A 16 8.24 -3.72 -28.46
CA LEU A 16 8.42 -4.90 -27.60
C LEU A 16 7.40 -4.97 -26.47
N THR A 17 7.20 -3.84 -25.79
CA THR A 17 6.24 -3.77 -24.69
C THR A 17 4.83 -4.05 -25.22
N LEU A 18 4.53 -3.56 -26.44
CA LEU A 18 3.21 -3.74 -27.01
C LEU A 18 3.01 -5.16 -27.55
N ILE A 19 4.02 -5.75 -28.19
CA ILE A 19 3.97 -7.18 -28.55
C ILE A 19 3.72 -8.08 -27.34
N SER A 20 4.42 -7.80 -26.26
CA SER A 20 4.28 -8.60 -25.02
C SER A 20 2.86 -8.56 -24.46
N GLY A 21 2.27 -7.36 -24.41
CA GLY A 21 0.90 -7.17 -23.98
C GLY A 21 -0.08 -7.86 -24.92
N THR A 22 0.16 -7.68 -26.22
CA THR A 22 -0.60 -8.36 -27.25
C THR A 22 -0.63 -9.86 -27.08
N ILE A 23 0.54 -10.47 -26.88
CA ILE A 23 0.66 -11.90 -26.65
C ILE A 23 -0.04 -12.28 -25.35
N PHE A 24 0.20 -11.52 -24.29
CA PHE A 24 -0.43 -11.84 -22.99
C PHE A 24 -1.93 -11.80 -23.01
N TYR A 25 -2.51 -10.73 -23.55
CA TYR A 25 -3.97 -10.55 -23.52
C TYR A 25 -4.71 -11.52 -24.46
N SER A 26 -4.18 -11.80 -25.66
CA SER A 26 -4.82 -12.78 -26.55
C SER A 26 -4.80 -14.18 -25.96
N THR A 27 -3.71 -14.52 -25.30
CA THR A 27 -3.55 -15.82 -24.67
C THR A 27 -4.37 -15.95 -23.38
N VAL A 28 -4.26 -14.98 -22.48
CA VAL A 28 -4.88 -15.11 -21.14
C VAL A 28 -6.31 -14.57 -21.03
N GLU A 29 -6.60 -13.48 -21.72
CA GLU A 29 -7.93 -12.89 -21.72
C GLU A 29 -8.73 -13.33 -22.96
N GLY A 30 -8.11 -14.14 -23.83
CA GLY A 30 -8.79 -14.76 -24.94
C GLY A 30 -9.11 -13.81 -26.08
N LEU A 31 -8.34 -12.75 -26.21
CA LEU A 31 -8.67 -11.71 -27.19
C LEU A 31 -8.07 -11.99 -28.54
N ARG A 32 -8.75 -11.53 -29.58
CA ARG A 32 -8.11 -11.42 -30.90
C ARG A 32 -6.87 -10.52 -30.76
N PRO A 33 -5.79 -10.84 -31.47
CA PRO A 33 -4.60 -10.01 -31.42
C PRO A 33 -4.89 -8.52 -31.60
N ILE A 34 -5.75 -8.16 -32.56
CA ILE A 34 -6.11 -6.74 -32.75
C ILE A 34 -6.61 -6.13 -31.44
N ASP A 35 -7.50 -6.83 -30.75
CA ASP A 35 -8.04 -6.34 -29.46
C ASP A 35 -7.04 -6.33 -28.31
N ALA A 36 -6.16 -7.33 -28.26
CA ALA A 36 -5.12 -7.39 -27.21
C ALA A 36 -4.08 -6.25 -27.38
N LEU A 37 -3.74 -5.97 -28.63
CA LEU A 37 -2.92 -4.84 -29.00
C LEU A 37 -3.63 -3.51 -28.71
N TYR A 38 -4.94 -3.46 -28.99
CA TYR A 38 -5.72 -2.26 -28.78
C TYR A 38 -5.82 -1.91 -27.30
N PHE A 39 -6.07 -2.92 -26.46
CA PHE A 39 -6.10 -2.76 -25.02
C PHE A 39 -4.73 -2.33 -24.44
N SER A 40 -3.68 -2.99 -24.89
CA SER A 40 -2.33 -2.71 -24.41
C SER A 40 -2.06 -1.25 -24.59
N VAL A 41 -2.32 -0.78 -25.80
CA VAL A 41 -2.04 0.57 -26.23
C VAL A 41 -2.88 1.59 -25.44
N VAL A 42 -4.21 1.41 -25.37
CA VAL A 42 -5.02 2.39 -24.64
C VAL A 42 -4.82 2.35 -23.12
N THR A 43 -4.31 1.22 -22.65
CA THR A 43 -4.00 1.07 -21.23
C THR A 43 -2.65 1.78 -20.86
N LEU A 44 -1.60 1.58 -21.64
CA LEU A 44 -0.30 2.19 -21.31
C LEU A 44 -0.30 3.71 -21.51
N THR A 45 -1.10 4.20 -22.48
CA THR A 45 -1.29 5.62 -22.74
C THR A 45 -2.33 6.20 -21.84
N THR A 46 -2.84 5.34 -21.00
CA THR A 46 -3.79 5.71 -19.99
C THR A 46 -5.14 6.15 -20.57
N VAL A 47 -5.43 6.00 -21.86
CA VAL A 47 -6.74 6.41 -22.35
C VAL A 47 -7.91 5.58 -21.73
N GLY A 48 -7.65 4.29 -21.59
CA GLY A 48 -8.56 3.29 -21.07
C GLY A 48 -10.02 3.13 -21.49
N GLU A 49 -10.40 3.36 -22.72
CA GLU A 49 -11.82 3.25 -23.08
CA GLU A 49 -11.83 3.29 -23.04
C GLU A 49 -12.27 1.87 -23.45
N THR A 50 -12.11 0.95 -22.53
CA THR A 50 -12.57 -0.42 -22.71
C THR A 50 -12.92 -0.87 -21.29
N PRO A 51 -13.54 -2.07 -21.18
CA PRO A 51 -13.70 -2.73 -19.86
C PRO A 51 -12.41 -3.15 -19.25
N PRO A 52 -12.41 -3.53 -17.96
CA PRO A 52 -11.21 -4.08 -17.34
C PRO A 52 -10.94 -5.53 -17.74
N PRO A 53 -9.77 -6.08 -17.39
CA PRO A 53 -9.53 -7.55 -17.54
C PRO A 53 -10.49 -8.39 -16.72
N GLN A 54 -10.79 -9.61 -17.18
CA GLN A 54 -11.76 -10.50 -16.52
C GLN A 54 -11.13 -11.44 -15.52
N THR A 55 -9.90 -11.83 -15.79
CA THR A 55 -9.21 -12.85 -14.98
C THR A 55 -8.29 -12.18 -13.97
N ASP A 56 -7.91 -12.91 -12.93
CA ASP A 56 -7.11 -12.34 -11.85
C ASP A 56 -5.68 -12.18 -12.28
N PHE A 57 -5.20 -13.14 -13.05
CA PHE A 57 -3.89 -13.02 -13.69
C PHE A 57 -3.87 -11.73 -14.53
N GLY A 58 -4.95 -11.53 -15.29
CA GLY A 58 -5.10 -10.40 -16.18
C GLY A 58 -5.01 -9.10 -15.46
N LYS A 59 -5.65 -9.01 -14.31
CA LYS A 59 -5.59 -7.81 -13.46
C LYS A 59 -4.21 -7.62 -12.86
N ILE A 60 -3.62 -8.70 -12.37
CA ILE A 60 -2.28 -8.67 -11.79
C ILE A 60 -1.26 -8.18 -12.80
N PHE A 61 -1.09 -8.92 -13.90
CA PHE A 61 -0.21 -8.53 -14.98
C PHE A 61 -0.44 -7.08 -15.39
N THR A 62 -1.71 -6.68 -15.50
CA THR A 62 -2.05 -5.36 -15.94
C THR A 62 -1.54 -4.26 -14.99
N ILE A 63 -1.61 -4.52 -13.70
CA ILE A 63 -1.14 -3.59 -12.68
C ILE A 63 0.39 -3.41 -12.88
N LEU A 64 1.09 -4.51 -13.03
CA LEU A 64 2.54 -4.48 -13.24
C LEU A 64 2.87 -3.84 -14.57
N TYR A 65 2.13 -4.23 -15.61
CA TYR A 65 2.36 -3.74 -16.98
C TYR A 65 2.22 -2.20 -17.08
N ILE A 66 1.29 -1.63 -16.29
CA ILE A 66 1.12 -0.17 -16.23
C ILE A 66 2.31 0.50 -15.58
N PHE A 67 2.78 -0.02 -14.45
CA PHE A 67 3.87 0.65 -13.73
C PHE A 67 5.18 0.65 -14.46
N ILE A 68 5.49 -0.49 -15.07
CA ILE A 68 6.68 -0.70 -15.84
C ILE A 68 6.59 -0.11 -17.22
N GLY A 69 5.38 -0.05 -17.76
CA GLY A 69 5.19 0.35 -19.17
C GLY A 69 4.84 1.82 -19.44
N ILE A 70 4.13 2.46 -18.51
CA ILE A 70 3.70 3.86 -18.69
C ILE A 70 4.89 4.78 -18.95
N GLY A 71 5.97 4.60 -18.18
CA GLY A 71 7.17 5.44 -18.35
C GLY A 71 7.83 5.31 -19.71
N LEU A 72 7.98 4.09 -20.20
CA LEU A 72 8.54 3.87 -21.52
C LEU A 72 7.73 4.53 -22.59
N VAL A 73 6.42 4.26 -22.56
CA VAL A 73 5.49 4.71 -23.55
C VAL A 73 5.45 6.24 -23.62
N PHE A 74 5.30 6.89 -22.46
CA PHE A 74 5.28 8.35 -22.44
C PHE A 74 6.62 9.02 -22.80
N GLY A 75 7.73 8.37 -22.45
CA GLY A 75 9.05 8.78 -22.91
C GLY A 75 9.24 8.70 -24.41
N PHE A 76 8.68 7.64 -25.00
CA PHE A 76 8.75 7.46 -26.44
C PHE A 76 7.95 8.55 -27.17
N ILE A 77 6.74 8.79 -26.69
CA ILE A 77 5.89 9.87 -27.21
C ILE A 77 6.59 11.22 -27.05
N HIS A 78 7.24 11.42 -25.93
CA HIS A 78 7.99 12.66 -25.72
C HIS A 78 9.07 12.86 -26.77
N LYS A 79 9.91 11.84 -26.96
CA LYS A 79 10.99 11.85 -27.92
C LYS A 79 10.48 11.99 -29.36
N LEU A 80 9.39 11.30 -29.67
CA LEU A 80 8.76 11.40 -30.97
C LEU A 80 8.31 12.82 -31.28
N ALA A 81 7.71 13.46 -30.27
CA ALA A 81 7.21 14.79 -30.41
C ALA A 81 8.33 15.81 -30.54
N VAL A 82 9.37 15.62 -29.72
CA VAL A 82 10.46 16.59 -29.59
C VAL A 82 11.44 16.41 -30.71
N ASN A 83 11.82 15.16 -30.99
CA ASN A 83 12.94 14.86 -31.90
C ASN A 83 12.49 14.40 -33.30
N VAL A 84 11.20 14.15 -33.49
CA VAL A 84 10.73 13.75 -34.79
C VAL A 84 9.73 14.80 -35.31
N GLN A 85 8.63 15.02 -34.58
CA GLN A 85 7.50 15.80 -35.08
C GLN A 85 7.77 17.30 -35.14
N LEU A 86 8.39 17.81 -34.09
CA LEU A 86 8.80 19.23 -34.04
C LEU A 86 9.73 19.62 -35.20
N PRO A 87 10.83 18.87 -35.43
CA PRO A 87 11.65 19.17 -36.63
C PRO A 87 10.87 19.11 -37.97
N SER A 88 9.93 18.18 -38.09
CA SER A 88 9.14 18.02 -39.31
C SER A 88 8.30 19.27 -39.50
N ILE A 89 7.65 19.71 -38.44
CA ILE A 89 6.83 20.92 -38.49
C ILE A 89 7.67 22.16 -38.78
N LEU A 90 8.81 22.30 -38.09
CA LEU A 90 9.80 23.34 -38.41
C LEU A 90 10.15 23.43 -39.91
N SER A 91 10.61 22.32 -40.48
CA SER A 91 11.02 22.26 -41.89
C SER A 91 9.91 22.63 -42.87
N ASN A 92 8.69 22.43 -42.44
CA ASN A 92 7.52 22.54 -43.29
C ASN A 92 6.79 23.85 -42.97
N LEU A 93 7.34 24.64 -42.05
CA LEU A 93 6.96 26.04 -41.93
C LEU A 93 7.89 26.98 -42.69
N VAL A 94 9.01 26.46 -43.21
CA VAL A 94 9.96 27.25 -43.99
C VAL A 94 9.42 27.57 -45.41
N PRO A 95 9.35 28.86 -45.78
CA PRO A 95 8.67 29.27 -47.02
C PRO A 95 9.29 28.69 -48.30
N LYS B 3 20.16 1.65 -4.11
CA LYS B 3 18.76 1.74 -4.65
C LYS B 3 18.38 3.17 -4.99
N ASP B 4 18.72 4.03 -4.05
CA ASP B 4 18.51 5.47 -4.08
C ASP B 4 17.32 5.79 -3.17
N LYS B 5 17.60 6.47 -2.06
CA LYS B 5 16.64 6.66 -0.96
C LYS B 5 15.32 7.29 -1.41
N GLU B 6 15.39 8.17 -2.40
CA GLU B 6 14.20 8.82 -2.95
C GLU B 6 13.23 7.85 -3.63
N PHE B 7 13.76 7.03 -4.55
CA PHE B 7 12.96 6.01 -5.21
C PHE B 7 12.33 5.07 -4.21
N GLN B 8 13.17 4.57 -3.30
CA GLN B 8 12.77 3.76 -2.15
C GLN B 8 11.57 4.37 -1.37
N VAL B 9 11.67 5.64 -1.02
CA VAL B 9 10.63 6.32 -0.25
C VAL B 9 9.35 6.49 -1.08
N LEU B 10 9.51 6.96 -2.33
CA LEU B 10 8.43 7.02 -3.31
C LEU B 10 7.76 5.66 -3.45
N PHE B 11 8.55 4.60 -3.52
CA PHE B 11 8.00 3.25 -3.61
C PHE B 11 7.14 2.90 -2.43
N VAL B 12 7.65 3.17 -1.22
CA VAL B 12 6.90 2.86 0.01
C VAL B 12 5.57 3.64 0.07
N LEU B 13 5.63 4.94 -0.18
CA LEU B 13 4.45 5.80 -0.17
C LEU B 13 3.38 5.37 -1.13
N THR B 14 3.81 4.92 -2.31
CA THR B 14 2.91 4.45 -3.35
C THR B 14 2.24 3.15 -2.92
N ILE B 15 3.00 2.24 -2.34
CA ILE B 15 2.45 0.99 -1.78
C ILE B 15 1.48 1.28 -0.63
N LEU B 16 1.86 2.20 0.26
CA LEU B 16 0.96 2.67 1.32
C LEU B 16 -0.34 3.25 0.77
N THR B 17 -0.22 4.07 -0.29
CA THR B 17 -1.38 4.66 -0.92
C THR B 17 -2.28 3.58 -1.52
N LEU B 18 -1.67 2.56 -2.11
CA LEU B 18 -2.41 1.49 -2.77
C LEU B 18 -3.02 0.54 -1.75
N ILE B 19 -2.30 0.21 -0.67
CA ILE B 19 -2.91 -0.55 0.44
C ILE B 19 -4.13 0.15 1.03
N SER B 20 -4.02 1.46 1.22
CA SER B 20 -5.15 2.26 1.76
C SER B 20 -6.39 2.23 0.88
N GLY B 21 -6.20 2.40 -0.42
CA GLY B 21 -7.28 2.31 -1.40
C GLY B 21 -7.88 0.91 -1.44
N THR B 22 -6.99 -0.08 -1.47
CA THR B 22 -7.36 -1.49 -1.46
C THR B 22 -8.26 -1.81 -0.24
N ILE B 23 -7.86 -1.36 0.95
CA ILE B 23 -8.66 -1.52 2.17
C ILE B 23 -9.97 -0.75 2.05
N PHE B 24 -9.90 0.50 1.61
CA PHE B 24 -11.13 1.30 1.50
C PHE B 24 -12.17 0.70 0.54
N TYR B 25 -11.74 0.31 -0.67
CA TYR B 25 -12.68 -0.14 -1.69
C TYR B 25 -13.27 -1.53 -1.40
N SER B 26 -12.46 -2.47 -0.88
CA SER B 26 -13.01 -3.78 -0.50
C SER B 26 -14.03 -3.66 0.64
N THR B 27 -13.75 -2.77 1.57
CA THR B 27 -14.64 -2.56 2.72
C THR B 27 -15.90 -1.76 2.35
N VAL B 28 -15.75 -0.65 1.65
CA VAL B 28 -16.87 0.27 1.40
C VAL B 28 -17.63 -0.02 0.11
N GLU B 29 -16.94 -0.44 -0.94
CA GLU B 29 -17.57 -0.76 -2.23
C GLU B 29 -17.77 -2.27 -2.40
N GLY B 30 -17.34 -3.04 -1.39
CA GLY B 30 -17.62 -4.47 -1.33
C GLY B 30 -16.81 -5.28 -2.31
N LEU B 31 -15.63 -4.79 -2.68
CA LEU B 31 -14.86 -5.46 -3.69
C LEU B 31 -13.95 -6.52 -3.12
N ARG B 32 -13.68 -7.55 -3.90
CA ARG B 32 -12.56 -8.41 -3.63
C ARG B 32 -11.30 -7.55 -3.56
N PRO B 33 -10.38 -7.84 -2.62
CA PRO B 33 -9.10 -7.15 -2.59
C PRO B 33 -8.43 -6.97 -3.98
N ILE B 34 -8.38 -8.03 -4.81
CA ILE B 34 -7.77 -7.91 -6.14
C ILE B 34 -8.42 -6.75 -6.92
N ASP B 35 -9.75 -6.67 -6.87
CA ASP B 35 -10.47 -5.61 -7.58
C ASP B 35 -10.35 -4.23 -6.96
N ALA B 36 -10.31 -4.15 -5.63
CA ALA B 36 -10.07 -2.86 -4.94
C ALA B 36 -8.66 -2.29 -5.21
N LEU B 37 -7.67 -3.19 -5.24
CA LEU B 37 -6.31 -2.85 -5.65
C LEU B 37 -6.25 -2.46 -7.12
N TYR B 38 -7.01 -3.18 -7.95
CA TYR B 38 -6.98 -2.94 -9.37
C TYR B 38 -7.55 -1.55 -9.67
N PHE B 39 -8.65 -1.22 -9.01
CA PHE B 39 -9.31 0.06 -9.17
C PHE B 39 -8.37 1.20 -8.69
N SER B 40 -7.78 1.00 -7.53
CA SER B 40 -6.93 2.00 -6.93
C SER B 40 -5.87 2.39 -7.92
N VAL B 41 -5.25 1.37 -8.47
CA VAL B 41 -4.17 1.52 -9.42
C VAL B 41 -4.60 2.20 -10.71
N VAL B 42 -5.66 1.70 -11.38
CA VAL B 42 -6.04 2.29 -12.67
C VAL B 42 -6.64 3.69 -12.50
N THR B 43 -7.11 3.97 -11.29
CA THR B 43 -7.62 5.29 -10.97
C THR B 43 -6.48 6.30 -10.73
N LEU B 44 -5.48 5.96 -9.92
CA LEU B 44 -4.41 6.92 -9.62
C LEU B 44 -3.51 7.20 -10.83
N THR B 45 -3.35 6.19 -11.71
CA THR B 45 -2.59 6.30 -12.95
C THR B 45 -3.43 6.91 -14.06
N THR B 46 -4.66 7.18 -13.72
CA THR B 46 -5.63 7.81 -14.57
C THR B 46 -6.07 6.93 -15.73
N VAL B 47 -5.75 5.66 -15.79
CA VAL B 47 -6.23 4.83 -16.92
C VAL B 47 -7.77 4.70 -16.93
N GLY B 48 -8.33 4.62 -15.74
CA GLY B 48 -9.75 4.44 -15.48
C GLY B 48 -10.69 3.46 -16.18
N GLU B 49 -10.26 2.30 -16.61
CA GLU B 49 -11.22 1.49 -17.39
C GLU B 49 -11.99 0.51 -16.51
N THR B 50 -12.72 1.07 -15.58
CA THR B 50 -13.62 0.34 -14.70
C THR B 50 -14.84 1.23 -14.57
N PRO B 51 -15.96 0.69 -14.03
CA PRO B 51 -17.09 1.57 -13.66
C PRO B 51 -16.69 2.53 -12.58
N PRO B 52 -17.54 3.53 -12.27
CA PRO B 52 -17.29 4.38 -11.11
C PRO B 52 -17.67 3.71 -9.78
N PRO B 53 -17.35 4.34 -8.64
CA PRO B 53 -17.89 3.90 -7.34
C PRO B 53 -19.41 4.02 -7.24
N GLN B 54 -20.05 3.15 -6.45
CA GLN B 54 -21.54 3.12 -6.31
C GLN B 54 -22.04 4.00 -5.20
N THR B 55 -21.24 4.09 -4.16
CA THR B 55 -21.63 4.68 -2.91
C THR B 55 -21.14 6.12 -2.88
N ASP B 56 -21.78 6.96 -2.07
CA ASP B 56 -21.45 8.39 -2.05
C ASP B 56 -20.13 8.60 -1.31
N PHE B 57 -19.92 7.84 -0.25
CA PHE B 57 -18.63 7.79 0.42
C PHE B 57 -17.54 7.42 -0.57
N GLY B 58 -17.82 6.40 -1.37
CA GLY B 58 -16.92 5.91 -2.40
C GLY B 58 -16.51 7.00 -3.37
N LYS B 59 -17.48 7.78 -3.85
CA LYS B 59 -17.21 8.87 -4.77
C LYS B 59 -16.43 10.01 -4.10
N ILE B 60 -16.83 10.34 -2.87
CA ILE B 60 -16.17 11.35 -2.10
C ILE B 60 -14.69 10.97 -1.88
N PHE B 61 -14.44 9.85 -1.19
CA PHE B 61 -13.07 9.34 -0.95
C PHE B 61 -12.27 9.30 -2.24
N THR B 62 -12.91 8.87 -3.32
CA THR B 62 -12.24 8.76 -4.60
C THR B 62 -11.74 10.10 -5.17
N ILE B 63 -12.54 11.14 -5.01
CA ILE B 63 -12.21 12.48 -5.45
C ILE B 63 -10.96 12.95 -4.68
N LEU B 64 -10.99 12.77 -3.36
CA LEU B 64 -9.86 13.13 -2.50
C LEU B 64 -8.63 12.28 -2.77
N TYR B 65 -8.85 10.99 -2.91
CA TYR B 65 -7.77 10.02 -3.21
C TYR B 65 -7.01 10.34 -4.51
N ILE B 66 -7.72 10.78 -5.53
CA ILE B 66 -7.11 11.20 -6.81
C ILE B 66 -6.25 12.46 -6.65
N PHE B 67 -6.77 13.50 -5.97
CA PHE B 67 -6.00 14.73 -5.84
C PHE B 67 -4.70 14.58 -5.01
N ILE B 68 -4.80 13.84 -3.92
CA ILE B 68 -3.70 13.53 -3.02
C ILE B 68 -2.77 12.45 -3.56
N GLY B 69 -3.32 11.54 -4.37
CA GLY B 69 -2.59 10.38 -4.79
C GLY B 69 -1.94 10.40 -6.16
N ILE B 70 -2.55 11.11 -7.10
CA ILE B 70 -2.01 11.18 -8.46
C ILE B 70 -0.57 11.71 -8.48
N GLY B 71 -0.29 12.75 -7.70
CA GLY B 71 1.09 13.30 -7.63
C GLY B 71 2.13 12.29 -7.17
N LEU B 72 1.86 11.58 -6.09
CA LEU B 72 2.77 10.59 -5.59
C LEU B 72 3.04 9.53 -6.62
N VAL B 73 1.95 9.01 -7.21
CA VAL B 73 2.01 7.93 -8.14
C VAL B 73 2.83 8.31 -9.39
N PHE B 74 2.51 9.45 -9.99
CA PHE B 74 3.25 9.91 -11.15
C PHE B 74 4.72 10.23 -10.86
N GLY B 75 4.99 10.74 -9.66
CA GLY B 75 6.36 10.98 -9.21
C GLY B 75 7.17 9.71 -9.06
N PHE B 76 6.52 8.67 -8.58
CA PHE B 76 7.11 7.37 -8.40
C PHE B 76 7.45 6.74 -9.74
N ILE B 77 6.49 6.80 -10.66
CA ILE B 77 6.70 6.38 -12.05
C ILE B 77 7.87 7.16 -12.69
N HIS B 78 7.89 8.45 -12.48
CA HIS B 78 8.96 9.26 -13.05
C HIS B 78 10.31 8.77 -12.56
N LYS B 79 10.44 8.65 -11.24
CA LYS B 79 11.70 8.21 -10.61
C LYS B 79 12.08 6.77 -11.01
N LEU B 80 11.07 5.89 -11.12
CA LEU B 80 11.28 4.53 -11.57
C LEU B 80 11.85 4.50 -12.95
N ALA B 81 11.31 5.35 -13.83
CA ALA B 81 11.74 5.41 -15.22
C ALA B 81 13.12 6.00 -15.34
N VAL B 82 13.36 7.05 -14.56
CA VAL B 82 14.60 7.86 -14.65
C VAL B 82 15.74 7.19 -13.91
N ASN B 83 15.45 6.71 -12.71
CA ASN B 83 16.49 6.19 -11.81
C ASN B 83 16.62 4.69 -11.77
N VAL B 84 15.64 3.96 -12.34
CA VAL B 84 15.67 2.50 -12.28
C VAL B 84 15.75 1.95 -13.68
N GLN B 85 14.77 2.27 -14.53
CA GLN B 85 14.63 1.63 -15.83
C GLN B 85 15.65 2.09 -16.84
N LEU B 86 15.87 3.39 -16.89
CA LEU B 86 16.88 3.98 -17.77
C LEU B 86 18.30 3.39 -17.52
N PRO B 87 18.78 3.36 -16.27
CA PRO B 87 20.07 2.66 -16.01
C PRO B 87 20.09 1.18 -16.42
N SER B 88 18.99 0.46 -16.20
CA SER B 88 18.90 -0.94 -16.56
C SER B 88 19.06 -1.06 -18.07
N ILE B 89 18.32 -0.24 -18.80
CA ILE B 89 18.36 -0.22 -20.26
C ILE B 89 19.76 0.11 -20.74
N LEU B 90 20.34 1.17 -20.18
CA LEU B 90 21.76 1.54 -20.44
C LEU B 90 22.70 0.35 -20.33
N SER B 91 22.72 -0.29 -19.15
CA SER B 91 23.59 -1.42 -18.86
C SER B 91 23.40 -2.62 -19.83
N ASN B 92 22.21 -2.68 -20.41
CA ASN B 92 21.72 -3.76 -21.22
C ASN B 92 21.96 -3.46 -22.69
N LEU B 93 22.30 -2.22 -22.99
CA LEU B 93 22.77 -1.84 -24.32
C LEU B 93 24.30 -1.86 -24.46
N VAL B 94 25.01 -2.18 -23.38
CA VAL B 94 26.48 -2.36 -23.39
C VAL B 94 26.90 -3.68 -24.05
N PRO B 95 27.82 -3.63 -25.04
CA PRO B 95 28.30 -4.78 -25.79
C PRO B 95 29.46 -5.52 -25.13
N ARG B 96 29.23 -6.78 -24.79
CA ARG B 96 30.27 -7.64 -24.20
C ARG B 96 30.17 -9.06 -24.78
N GLU C 6 -8.29 -22.18 7.87
CA GLU C 6 -7.98 -20.72 8.10
C GLU C 6 -6.53 -20.47 8.47
N PHE C 7 -5.85 -21.47 9.04
CA PHE C 7 -4.47 -21.31 9.48
C PHE C 7 -3.54 -20.87 8.34
N GLN C 8 -3.62 -21.60 7.23
CA GLN C 8 -2.90 -21.23 5.99
C GLN C 8 -3.09 -19.78 5.54
N VAL C 9 -4.33 -19.33 5.48
CA VAL C 9 -4.63 -17.96 5.07
C VAL C 9 -4.10 -16.96 6.10
N LEU C 10 -4.38 -17.23 7.37
CA LEU C 10 -3.86 -16.42 8.47
C LEU C 10 -2.35 -16.34 8.39
N PHE C 11 -1.70 -17.46 8.11
CA PHE C 11 -0.25 -17.50 7.93
C PHE C 11 0.22 -16.55 6.83
N VAL C 12 -0.43 -16.61 5.67
CA VAL C 12 -0.06 -15.76 4.53
C VAL C 12 -0.23 -14.27 4.83
N LEU C 13 -1.37 -13.90 5.39
CA LEU C 13 -1.66 -12.52 5.76
C LEU C 13 -0.65 -11.98 6.78
N THR C 14 -0.26 -12.83 7.73
CA THR C 14 0.70 -12.46 8.76
C THR C 14 2.08 -12.21 8.14
N ILE C 15 2.47 -13.09 7.22
CA ILE C 15 3.75 -12.95 6.51
C ILE C 15 3.74 -11.69 5.66
N LEU C 16 2.63 -11.46 4.97
CA LEU C 16 2.45 -10.22 4.25
C LEU C 16 2.54 -8.99 5.09
N THR C 17 1.89 -9.04 6.26
CA THR C 17 1.92 -7.93 7.19
C THR C 17 3.33 -7.72 7.68
N LEU C 18 4.08 -8.80 7.89
CA LEU C 18 5.45 -8.70 8.38
C LEU C 18 6.43 -8.26 7.29
N ILE C 19 6.28 -8.74 6.05
CA ILE C 19 7.05 -8.21 4.89
C ILE C 19 6.85 -6.71 4.71
N SER C 20 5.61 -6.28 4.79
CA SER C 20 5.29 -4.84 4.63
C SER C 20 5.97 -3.97 5.69
N GLY C 21 5.95 -4.43 6.95
CA GLY C 21 6.59 -3.75 8.06
C GLY C 21 8.09 -3.73 7.90
N THR C 22 8.62 -4.88 7.52
CA THR C 22 10.02 -5.01 7.18
C THR C 22 10.47 -4.04 6.13
N ILE C 23 9.74 -3.97 5.02
CA ILE C 23 10.07 -3.04 3.95
C ILE C 23 9.95 -1.60 4.48
N PHE C 24 8.86 -1.31 5.18
CA PHE C 24 8.68 0.08 5.66
C PHE C 24 9.78 0.55 6.58
N TYR C 25 10.13 -0.28 7.58
CA TYR C 25 11.05 0.17 8.61
C TYR C 25 12.48 0.27 8.09
N SER C 26 12.91 -0.66 7.23
CA SER C 26 14.25 -0.58 6.65
C SER C 26 14.39 0.64 5.77
N THR C 27 13.34 0.97 5.03
CA THR C 27 13.35 2.12 4.18
C THR C 27 13.23 3.45 4.94
N VAL C 28 12.28 3.56 5.85
CA VAL C 28 12.00 4.87 6.49
C VAL C 28 12.76 5.12 7.78
N GLU C 29 12.98 4.08 8.57
CA GLU C 29 13.71 4.20 9.82
C GLU C 29 15.16 3.76 9.62
N GLY C 30 15.51 3.35 8.41
CA GLY C 30 16.89 3.05 8.04
C GLY C 30 17.43 1.76 8.62
N LEU C 31 16.55 0.81 8.91
CA LEU C 31 16.99 -0.38 9.60
C LEU C 31 17.46 -1.47 8.67
N ARG C 32 18.37 -2.30 9.14
CA ARG C 32 18.68 -3.54 8.50
C ARG C 32 17.35 -4.34 8.45
N PRO C 33 17.12 -5.10 7.38
CA PRO C 33 15.94 -5.93 7.27
C PRO C 33 15.69 -6.79 8.50
N ILE C 34 16.74 -7.42 9.05
CA ILE C 34 16.59 -8.22 10.28
C ILE C 34 15.96 -7.39 11.41
N ASP C 35 16.44 -6.17 11.59
CA ASP C 35 15.89 -5.30 12.63
C ASP C 35 14.49 -4.78 12.33
N ALA C 36 14.19 -4.46 11.07
CA ALA C 36 12.86 -3.97 10.67
C ALA C 36 11.79 -5.06 10.82
N LEU C 37 12.18 -6.29 10.50
CA LEU C 37 11.40 -7.47 10.80
C LEU C 37 11.23 -7.69 12.30
N TYR C 38 12.31 -7.49 13.07
CA TYR C 38 12.30 -7.78 14.48
C TYR C 38 11.32 -6.83 15.16
N PHE C 39 11.37 -5.57 14.75
CA PHE C 39 10.55 -4.53 15.31
C PHE C 39 9.07 -4.81 14.97
N SER C 40 8.82 -5.14 13.72
CA SER C 40 7.47 -5.40 13.24
C SER C 40 6.85 -6.46 14.11
N VAL C 41 7.59 -7.55 14.32
CA VAL C 41 7.17 -8.72 15.06
C VAL C 41 6.94 -8.44 16.55
N VAL C 42 7.89 -7.77 17.24
CA VAL C 42 7.68 -7.51 18.69
C VAL C 42 6.67 -6.39 18.94
N THR C 43 6.43 -5.59 17.92
CA THR C 43 5.41 -4.56 18.00
C THR C 43 3.99 -5.17 17.82
N LEU C 44 3.77 -6.01 16.80
CA LEU C 44 2.41 -6.50 16.53
C LEU C 44 1.96 -7.51 17.59
N THR C 45 2.92 -8.22 18.18
CA THR C 45 2.68 -9.13 19.32
C THR C 45 2.68 -8.39 20.65
N THR C 46 2.90 -7.09 20.58
CA THR C 46 2.84 -6.19 21.69
C THR C 46 3.97 -6.43 22.68
N VAL C 47 5.01 -7.20 22.39
CA VAL C 47 6.10 -7.33 23.37
C VAL C 47 6.86 -6.03 23.60
N GLY C 48 7.05 -5.30 22.52
CA GLY C 48 7.71 -4.01 22.44
C GLY C 48 9.07 -3.67 23.01
N GLU C 49 10.01 -4.59 23.08
CA GLU C 49 11.23 -4.20 23.82
C GLU C 49 12.30 -3.66 22.89
N THR C 50 11.95 -2.56 22.24
CA THR C 50 12.84 -1.81 21.38
C THR C 50 12.49 -0.36 21.66
N PRO C 51 13.37 0.58 21.29
CA PRO C 51 12.99 1.99 21.32
C PRO C 51 11.88 2.25 20.37
N PRO C 52 11.23 3.42 20.48
CA PRO C 52 10.22 3.77 19.50
C PRO C 52 10.82 4.20 18.14
N PRO C 53 9.99 4.32 17.09
CA PRO C 53 10.41 4.97 15.85
C PRO C 53 10.93 6.42 16.02
N GLN C 54 11.87 6.84 15.18
CA GLN C 54 12.49 8.19 15.30
C GLN C 54 11.77 9.27 14.49
N THR C 55 11.21 8.87 13.36
CA THR C 55 10.58 9.78 12.44
C THR C 55 9.09 9.86 12.70
N ASP C 56 8.47 10.93 12.21
CA ASP C 56 7.05 11.13 12.39
C ASP C 56 6.22 10.21 11.50
N PHE C 57 6.69 10.00 10.27
CA PHE C 57 6.11 8.98 9.40
C PHE C 57 6.13 7.61 10.09
N GLY C 58 7.27 7.30 10.70
CA GLY C 58 7.48 6.06 11.41
C GLY C 58 6.48 5.85 12.51
N LYS C 59 6.20 6.90 13.27
CA LYS C 59 5.23 6.84 14.38
C LYS C 59 3.82 6.73 13.86
N ILE C 60 3.51 7.50 12.84
CA ILE C 60 2.21 7.48 12.21
C ILE C 60 1.90 6.09 11.65
N PHE C 61 2.72 5.61 10.69
CA PHE C 61 2.60 4.27 10.16
C PHE C 61 2.47 3.21 11.23
N THR C 62 3.29 3.34 12.27
CA THR C 62 3.28 2.36 13.36
C THR C 62 1.97 2.30 14.11
N ILE C 63 1.33 3.47 14.35
CA ILE C 63 0.07 3.54 15.02
C ILE C 63 -0.97 2.75 14.17
N LEU C 64 -0.98 3.04 12.87
CA LEU C 64 -1.91 2.37 11.95
C LEU C 64 -1.58 0.89 11.81
N TYR C 65 -0.30 0.57 11.69
CA TYR C 65 0.17 -0.82 11.58
C TYR C 65 -0.23 -1.68 12.79
N ILE C 66 -0.22 -1.09 13.99
CA ILE C 66 -0.71 -1.79 15.21
C ILE C 66 -2.21 -2.07 15.18
N PHE C 67 -3.01 -1.08 14.83
CA PHE C 67 -4.48 -1.28 14.86
C PHE C 67 -4.96 -2.30 13.83
N ILE C 68 -4.39 -2.20 12.63
CA ILE C 68 -4.72 -3.08 11.50
C ILE C 68 -4.08 -4.43 11.66
N GLY C 69 -2.92 -4.47 12.32
CA GLY C 69 -2.11 -5.67 12.36
C GLY C 69 -2.22 -6.56 13.58
N ILE C 70 -2.48 -5.96 14.74
CA ILE C 70 -2.58 -6.73 15.99
C ILE C 70 -3.65 -7.82 15.89
N GLY C 71 -4.79 -7.48 15.31
CA GLY C 71 -5.89 -8.46 15.14
C GLY C 71 -5.50 -9.66 14.29
N LEU C 72 -4.87 -9.43 13.15
CA LEU C 72 -4.43 -10.49 12.25
C LEU C 72 -3.43 -11.41 12.95
N VAL C 73 -2.43 -10.80 13.58
CA VAL C 73 -1.36 -11.50 14.27
C VAL C 73 -1.89 -12.36 15.40
N PHE C 74 -2.71 -11.79 16.27
CA PHE C 74 -3.27 -12.55 17.39
C PHE C 74 -4.21 -13.63 16.94
N GLY C 75 -4.97 -13.37 15.86
CA GLY C 75 -5.86 -14.37 15.28
C GLY C 75 -5.09 -15.56 14.76
N PHE C 76 -3.93 -15.27 14.16
CA PHE C 76 -3.06 -16.30 13.62
C PHE C 76 -2.49 -17.18 14.73
N ILE C 77 -2.00 -16.53 15.78
CA ILE C 77 -1.55 -17.22 16.98
C ILE C 77 -2.69 -18.03 17.61
N HIS C 78 -3.90 -17.46 17.65
CA HIS C 78 -5.06 -18.17 18.20
C HIS C 78 -5.32 -19.47 17.44
N LYS C 79 -5.39 -19.37 16.11
CA LYS C 79 -5.60 -20.51 15.22
C LYS C 79 -4.48 -21.53 15.29
N LEU C 80 -3.24 -21.04 15.36
CA LEU C 80 -2.08 -21.90 15.52
C LEU C 80 -2.15 -22.70 16.82
N ALA C 81 -2.56 -22.04 17.89
CA ALA C 81 -2.67 -22.66 19.20
C ALA C 81 -3.82 -23.64 19.26
N VAL C 82 -4.93 -23.23 18.66
CA VAL C 82 -6.19 -23.98 18.75
C VAL C 82 -6.20 -25.14 17.76
N ASN C 83 -5.80 -24.87 16.53
CA ASN C 83 -5.94 -25.81 15.41
C ASN C 83 -4.66 -26.59 15.08
N VAL C 84 -3.52 -26.17 15.62
CA VAL C 84 -2.27 -26.87 15.36
C VAL C 84 -1.67 -27.45 16.64
N GLN C 85 -1.37 -26.60 17.61
CA GLN C 85 -0.61 -27.04 18.79
C GLN C 85 -1.40 -27.88 19.76
N LEU C 86 -2.65 -27.48 20.00
CA LEU C 86 -3.54 -28.22 20.87
C LEU C 86 -3.73 -29.68 20.41
N PRO C 87 -4.06 -29.90 19.13
CA PRO C 87 -4.09 -31.29 18.64
C PRO C 87 -2.77 -32.06 18.80
N SER C 88 -1.65 -31.40 18.58
CA SER C 88 -0.34 -32.04 18.72
C SER C 88 -0.15 -32.48 20.16
N ILE C 89 -0.42 -31.57 21.09
CA ILE C 89 -0.29 -31.85 22.50
C ILE C 89 -1.24 -32.93 22.99
N LEU C 90 -2.52 -32.78 22.67
CA LEU C 90 -3.58 -33.63 23.22
C LEU C 90 -3.31 -35.11 23.01
N SER C 91 -3.11 -35.53 21.76
CA SER C 91 -2.75 -36.93 21.45
C SER C 91 -1.54 -37.42 22.22
N ASN C 92 -0.74 -36.50 22.73
CA ASN C 92 0.23 -36.83 23.81
C ASN C 92 1.59 -37.54 23.51
N LEU C 93 2.58 -37.20 24.35
CA LEU C 93 3.91 -37.84 24.38
C LEU C 93 4.76 -37.65 23.13
N LYS D 5 -21.87 -2.07 13.50
CA LYS D 5 -21.59 -0.81 14.15
C LYS D 5 -22.49 -0.54 15.37
N GLU D 6 -22.05 -0.82 16.57
CA GLU D 6 -20.90 -1.63 16.81
C GLU D 6 -19.62 -0.91 16.39
N PHE D 7 -18.94 -1.43 15.38
CA PHE D 7 -17.65 -0.91 15.03
C PHE D 7 -17.74 0.46 14.38
N GLN D 8 -18.57 1.32 14.94
CA GLN D 8 -18.69 2.69 14.47
C GLN D 8 -18.75 3.53 15.73
N VAL D 9 -19.39 2.94 16.69
CA VAL D 9 -19.39 3.48 18.06
C VAL D 9 -18.06 3.19 18.75
N LEU D 10 -17.60 1.94 18.65
CA LEU D 10 -16.29 1.55 19.13
C LEU D 10 -15.22 2.44 18.57
N PHE D 11 -15.32 2.73 17.27
CA PHE D 11 -14.36 3.62 16.63
C PHE D 11 -14.36 5.01 17.27
N VAL D 12 -15.54 5.59 17.47
CA VAL D 12 -15.66 6.94 18.05
C VAL D 12 -15.10 7.00 19.47
N LEU D 13 -15.48 6.02 20.30
CA LEU D 13 -14.98 5.92 21.68
C LEU D 13 -13.45 5.79 21.77
N THR D 14 -12.88 5.01 20.84
CA THR D 14 -11.43 4.79 20.79
C THR D 14 -10.73 6.08 20.40
N ILE D 15 -11.30 6.79 19.43
CA ILE D 15 -10.80 8.09 19.05
C ILE D 15 -10.85 9.08 20.19
N LEU D 16 -11.99 9.12 20.86
CA LEU D 16 -12.19 9.98 22.03
C LEU D 16 -11.16 9.67 23.11
N THR D 17 -10.93 8.38 23.34
CA THR D 17 -9.94 7.94 24.32
C THR D 17 -8.54 8.37 23.90
N LEU D 18 -8.25 8.31 22.59
CA LEU D 18 -6.95 8.68 22.07
C LEU D 18 -6.75 10.20 22.02
N ILE D 19 -7.76 10.96 21.62
CA ILE D 19 -7.72 12.44 21.73
C ILE D 19 -7.44 12.91 23.16
N SER D 20 -8.12 12.28 24.12
CA SER D 20 -7.95 12.63 25.52
C SER D 20 -6.50 12.37 26.05
N GLY D 21 -5.94 11.24 25.69
CA GLY D 21 -4.55 10.90 25.98
C GLY D 21 -3.56 11.84 25.29
N THR D 22 -3.82 12.09 24.01
CA THR D 22 -3.06 13.06 23.25
C THR D 22 -3.01 14.42 23.90
N ILE D 23 -4.17 14.95 24.30
CA ILE D 23 -4.23 16.24 24.95
C ILE D 23 -3.48 16.16 26.28
N PHE D 24 -3.73 15.10 27.05
CA PHE D 24 -3.11 15.01 28.37
C PHE D 24 -1.61 14.95 28.32
N TYR D 25 -1.05 14.12 27.44
CA TYR D 25 0.38 13.92 27.40
C TYR D 25 1.14 15.10 26.83
N SER D 26 0.61 15.74 25.77
CA SER D 26 1.27 16.94 25.23
C SER D 26 1.29 18.07 26.24
N THR D 27 0.20 18.18 27.00
CA THR D 27 0.09 19.24 28.00
C THR D 27 0.92 18.93 29.26
N VAL D 28 0.81 17.72 29.79
CA VAL D 28 1.41 17.41 31.10
C VAL D 28 2.83 16.85 31.02
N GLU D 29 3.11 16.03 30.00
CA GLU D 29 4.44 15.47 29.79
C GLU D 29 5.22 16.27 28.73
N GLY D 30 4.60 17.33 28.19
CA GLY D 30 5.28 18.27 27.30
C GLY D 30 5.55 17.75 25.91
N LEU D 31 4.77 16.79 25.45
CA LEU D 31 5.08 16.14 24.20
C LEU D 31 4.46 16.83 23.02
N ARG D 32 5.09 16.70 21.86
CA ARG D 32 4.47 17.02 20.61
C ARG D 32 3.21 16.15 20.49
N PRO D 33 2.12 16.70 19.93
CA PRO D 33 0.92 15.91 19.72
C PRO D 33 1.19 14.53 19.07
N ILE D 34 2.02 14.47 18.02
CA ILE D 34 2.36 13.17 17.39
C ILE D 34 2.88 12.17 18.47
N ASP D 35 3.80 12.62 19.30
CA ASP D 35 4.35 11.74 20.38
C ASP D 35 3.38 11.41 21.49
N ALA D 36 2.50 12.35 21.85
CA ALA D 36 1.46 12.08 22.87
C ALA D 36 0.41 11.08 22.39
N LEU D 37 0.05 11.20 21.13
CA LEU D 37 -0.79 10.24 20.45
C LEU D 37 -0.09 8.88 20.34
N TYR D 38 1.20 8.91 20.06
CA TYR D 38 1.94 7.69 19.81
C TYR D 38 2.04 6.90 21.10
N PHE D 39 2.32 7.61 22.18
CA PHE D 39 2.35 7.00 23.48
C PHE D 39 1.00 6.43 23.91
N SER D 40 -0.06 7.20 23.68
CA SER D 40 -1.41 6.80 24.09
C SER D 40 -1.70 5.48 23.47
N VAL D 41 -1.45 5.42 22.19
CA VAL D 41 -1.71 4.26 21.39
C VAL D 41 -0.88 3.05 21.80
N VAL D 42 0.46 3.21 21.90
CA VAL D 42 1.28 2.02 22.27
C VAL D 42 1.11 1.60 23.69
N THR D 43 0.60 2.52 24.50
CA THR D 43 0.30 2.17 25.88
C THR D 43 -1.05 1.38 26.02
N LEU D 44 -2.12 1.82 25.36
CA LEU D 44 -3.44 1.16 25.51
C LEU D 44 -3.44 -0.22 24.86
N THR D 45 -2.64 -0.38 23.81
CA THR D 45 -2.46 -1.67 23.10
C THR D 45 -1.40 -2.52 23.80
N THR D 46 -0.86 -1.96 24.85
CA THR D 46 0.08 -2.60 25.71
C THR D 46 1.43 -2.86 25.02
N VAL D 47 1.73 -2.33 23.84
CA VAL D 47 3.07 -2.58 23.21
C VAL D 47 4.22 -1.97 24.03
N GLY D 48 3.95 -0.82 24.59
CA GLY D 48 4.84 -0.01 25.42
C GLY D 48 6.28 0.33 25.07
N GLU D 49 6.67 0.47 23.82
CA GLU D 49 8.13 0.64 23.59
C GLU D 49 8.54 2.11 23.57
N THR D 50 8.29 2.77 24.70
CA THR D 50 8.69 4.15 24.91
C THR D 50 9.13 4.16 26.35
N PRO D 51 9.86 5.21 26.77
CA PRO D 51 10.07 5.39 28.22
C PRO D 51 8.75 5.59 28.96
N PRO D 52 8.78 5.55 30.30
CA PRO D 52 7.59 5.80 31.05
C PRO D 52 7.34 7.28 31.16
N PRO D 53 6.14 7.69 31.62
CA PRO D 53 5.92 9.10 32.00
C PRO D 53 6.91 9.61 33.07
N GLN D 54 7.25 10.90 33.00
CA GLN D 54 8.25 11.50 33.88
C GLN D 54 7.65 12.11 35.15
N THR D 55 6.43 12.59 35.06
CA THR D 55 5.74 13.28 36.14
C THR D 55 4.81 12.34 36.89
N ASP D 56 4.44 12.69 38.11
CA ASP D 56 3.64 11.81 38.96
C ASP D 56 2.19 11.83 38.52
N PHE D 57 1.71 13.01 38.08
CA PHE D 57 0.40 13.10 37.42
C PHE D 57 0.37 12.14 36.25
N GLY D 58 1.45 12.19 35.46
CA GLY D 58 1.58 11.39 34.26
C GLY D 58 1.44 9.92 34.55
N LYS D 59 2.07 9.45 35.64
CA LYS D 59 2.01 8.06 36.03
C LYS D 59 0.64 7.66 36.58
N ILE D 60 0.07 8.54 37.38
CA ILE D 60 -1.25 8.36 37.95
C ILE D 60 -2.27 8.25 36.84
N PHE D 61 -2.42 9.31 36.05
CA PHE D 61 -3.32 9.29 34.88
C PHE D 61 -3.14 8.06 34.01
N THR D 62 -1.89 7.70 33.77
CA THR D 62 -1.58 6.55 32.93
C THR D 62 -2.10 5.23 33.48
N ILE D 63 -2.04 5.05 34.80
CA ILE D 63 -2.55 3.85 35.47
C ILE D 63 -4.05 3.76 35.25
N LEU D 64 -4.75 4.89 35.47
CA LEU D 64 -6.19 4.94 35.30
C LEU D 64 -6.56 4.78 33.81
N TYR D 65 -5.82 5.46 32.95
CA TYR D 65 -6.05 5.40 31.50
C TYR D 65 -5.94 3.97 30.94
N ILE D 66 -5.00 3.19 31.46
CA ILE D 66 -4.84 1.78 31.04
C ILE D 66 -6.04 0.90 31.46
N PHE D 67 -6.48 1.01 32.72
CA PHE D 67 -7.59 0.18 33.21
C PHE D 67 -8.92 0.47 32.51
N ILE D 68 -9.19 1.76 32.32
CA ILE D 68 -10.41 2.24 31.65
C ILE D 68 -10.35 2.08 30.15
N GLY D 69 -9.13 2.15 29.60
CA GLY D 69 -8.95 2.24 28.16
C GLY D 69 -8.60 0.96 27.42
N ILE D 70 -7.89 0.06 28.09
CA ILE D 70 -7.48 -1.20 27.46
C ILE D 70 -8.67 -2.01 26.91
N GLY D 71 -9.76 -2.09 27.69
CA GLY D 71 -10.96 -2.83 27.24
C GLY D 71 -11.61 -2.26 25.99
N LEU D 72 -11.75 -0.95 25.94
CA LEU D 72 -12.30 -0.31 24.76
C LEU D 72 -11.46 -0.57 23.53
N VAL D 73 -10.16 -0.33 23.66
CA VAL D 73 -9.20 -0.46 22.57
C VAL D 73 -9.16 -1.88 22.01
N PHE D 74 -9.02 -2.87 22.88
CA PHE D 74 -8.99 -4.25 22.43
C PHE D 74 -10.32 -4.70 21.81
N GLY D 75 -11.44 -4.19 22.34
CA GLY D 75 -12.76 -4.47 21.78
C GLY D 75 -12.91 -3.91 20.38
N PHE D 76 -12.37 -2.72 20.16
CA PHE D 76 -12.42 -2.07 18.87
C PHE D 76 -11.62 -2.85 17.83
N ILE D 77 -10.40 -3.23 18.22
CA ILE D 77 -9.54 -4.08 17.40
C ILE D 77 -10.23 -5.42 17.11
N HIS D 78 -10.87 -6.00 18.12
CA HIS D 78 -11.58 -7.28 17.92
C HIS D 78 -12.64 -7.14 16.85
N LYS D 79 -13.50 -6.12 17.00
CA LYS D 79 -14.59 -5.86 16.05
C LYS D 79 -14.07 -5.51 14.66
N LEU D 80 -13.00 -4.73 14.60
CA LEU D 80 -12.36 -4.37 13.34
C LEU D 80 -11.86 -5.61 12.60
N ALA D 81 -11.24 -6.52 13.36
CA ALA D 81 -10.69 -7.75 12.80
C ALA D 81 -11.79 -8.72 12.40
N VAL D 82 -12.82 -8.80 13.26
CA VAL D 82 -13.87 -9.79 13.13
C VAL D 82 -14.91 -9.35 12.11
N ASN D 83 -15.34 -8.08 12.18
CA ASN D 83 -16.43 -7.57 11.36
C ASN D 83 -16.01 -6.79 10.12
N VAL D 84 -14.73 -6.44 10.00
CA VAL D 84 -14.28 -5.69 8.85
C VAL D 84 -13.28 -6.47 8.03
N GLN D 85 -12.14 -6.79 8.61
CA GLN D 85 -11.17 -7.33 7.68
C GLN D 85 -11.24 -8.85 7.44
N LEU D 86 -11.80 -9.62 8.39
CA LEU D 86 -12.13 -11.02 8.15
C LEU D 86 -13.08 -11.22 6.93
N PRO D 87 -14.23 -10.51 6.88
CA PRO D 87 -15.06 -10.56 5.67
C PRO D 87 -14.31 -10.21 4.38
N SER D 88 -13.44 -9.21 4.42
CA SER D 88 -12.72 -8.78 3.22
C SER D 88 -11.84 -9.92 2.75
N ILE D 89 -11.11 -10.53 3.68
CA ILE D 89 -10.27 -11.68 3.38
C ILE D 89 -11.06 -12.90 2.89
N LEU D 90 -12.07 -13.30 3.67
CA LEU D 90 -12.76 -14.59 3.48
C LEU D 90 -13.41 -14.82 2.13
N SER D 91 -14.33 -13.94 1.76
CA SER D 91 -15.40 -14.30 0.83
C SER D 91 -14.94 -14.63 -0.60
N ASN D 92 -13.79 -14.11 -1.00
CA ASN D 92 -13.27 -14.15 -2.37
C ASN D 92 -13.07 -15.55 -2.98
N LEU D 93 -14.15 -16.31 -3.08
CA LEU D 93 -14.18 -17.56 -3.82
C LEU D 93 -14.93 -17.24 -5.09
N GLY E . 4.21 5.29 -34.23
CA GLY E . 4.10 4.69 -32.88
C GLY E . 3.88 3.18 -32.82
O GLY E . 4.67 2.40 -33.37
OXT GLY E . 2.93 2.69 -32.20
N GLY F . 13.10 17.89 -24.32
CA GLY F . 13.91 17.05 -23.39
C GLY F . 14.87 16.13 -24.13
O GLY F . 14.88 16.08 -25.36
OXT GLY F . 15.66 15.42 -23.50
N GLY G . 3.55 -8.05 -15.74
CA GLY G . 4.71 -8.49 -16.58
C GLY G . 5.60 -7.28 -16.86
O GLY G . 5.10 -6.15 -16.98
OXT GLY G . 6.82 -7.40 -16.97
N GLY H . 23.01 11.03 -37.08
CA GLY H . 21.85 10.14 -37.39
C GLY H . 20.50 10.79 -37.18
O GLY H . 20.03 10.92 -36.05
OXT GLY H . 19.84 11.24 -38.13
N GLY I . 7.64 16.82 -46.90
CA GLY I . 6.56 17.07 -45.89
C GLY I . 6.76 16.22 -44.64
O GLY I . 7.89 16.13 -44.13
OXT GLY I . 5.82 15.62 -44.11
N GLY J . 14.69 22.36 -39.55
CA GLY J . 15.23 23.74 -39.79
C GLY J . 15.60 23.95 -41.24
O GLY J . 15.94 25.06 -41.68
OXT GLY J . 15.57 23.01 -42.04
N GLY K . -14.11 -11.38 -29.06
CA GLY K . -14.23 -10.43 -27.89
C GLY K . -15.67 -10.21 -27.48
O GLY K . -16.53 -11.09 -27.64
OXT GLY K . -16.01 -9.15 -26.98
C1 MPD L . -3.02 -6.11 -36.10
C2 MPD L . -2.60 -7.38 -35.39
O2 MPD L . -3.02 -7.30 -34.02
CM MPD L . -3.28 -8.58 -36.02
C3 MPD L . -1.08 -7.47 -35.46
C4 MPD L . -0.48 -8.63 -34.65
O4 MPD L . -0.53 -9.87 -35.37
C5 MPD L . 0.97 -8.35 -34.26
C1 MPD M . 11.73 2.81 -40.23
C2 MPD M . 10.94 2.61 -38.94
O2 MPD M . 9.62 3.14 -39.11
CM MPD M . 10.79 1.12 -38.65
C3 MPD M . 11.60 3.38 -37.80
C4 MPD M . 12.95 2.78 -37.38
O4 MPD M . 13.96 3.79 -37.47
C5 MPD M . 12.90 2.23 -35.96
C1 MPD N . 5.75 -14.42 -13.90
C2 MPD N . 4.24 -14.37 -14.07
O2 MPD N . 3.93 -14.41 -15.47
CM MPD N . 3.63 -15.58 -13.38
C3 MPD N . 3.68 -13.09 -13.44
C4 MPD N . 3.88 -11.82 -14.27
O4 MPD N . 2.65 -11.07 -14.41
C5 MPD N . 4.91 -10.91 -13.64
N1 DMN O . 5.38 -12.34 -22.05
C2 DMN O . 6.61 -12.22 -22.82
C3 DMN O . 4.09 -12.29 -22.72
N1 DMN P . 5.32 20.00 -29.89
C2 DMN P . 5.85 18.66 -29.94
C3 DMN P . 5.12 20.72 -28.65
N1 DMN Q . -8.55 7.61 -18.72
C2 DMN Q . -8.60 6.17 -18.99
C3 DMN Q . -9.92 8.11 -18.80
N GLY R . -22.71 6.60 1.30
CA GLY R . -22.87 6.95 2.75
C GLY R . -23.17 8.41 3.01
O GLY R . -24.31 8.78 3.27
OXT GLY R . -22.28 9.27 2.98
N GLY S . 13.06 4.50 -19.98
CA GLY S . 13.82 5.68 -20.50
C GLY S . 13.00 6.96 -20.54
O GLY S . 11.92 7.02 -21.13
OXT GLY S . 13.38 7.97 -19.98
N GLY T . 6.48 -2.29 -9.41
CA GLY T . 5.59 -1.17 -8.92
C GLY T . 4.70 -1.53 -7.74
O GLY T . 3.91 -0.72 -7.27
OXT GLY T . 4.74 -2.64 -7.21
N GLY U . 18.83 -8.29 -15.22
CA GLY U . 18.96 -7.26 -16.28
C GLY U . 20.16 -7.54 -17.16
O GLY U . 20.06 -8.36 -18.08
OXT GLY U . 21.27 -6.99 -16.97
N GLY V . 4.91 -5.22 -3.59
CA GLY V . 5.46 -6.28 -4.52
C GLY V . 6.44 -5.73 -5.54
O GLY V . 6.17 -5.68 -6.74
OXT GLY V . 7.56 -5.30 -5.21
N GLY W . -25.79 3.53 -2.16
CA GLY W . -25.04 3.49 -0.87
C GLY W . -25.85 3.93 0.34
O GLY W . -26.80 4.69 0.22
OXT GLY W . -25.56 3.52 1.48
N GLY X . -2.31 -10.13 -4.84
CA GLY X . -2.03 -9.38 -3.58
C GLY X . -3.28 -8.93 -2.85
O GLY X . -3.21 -8.75 -1.63
OXT GLY X . -4.36 -8.74 -3.43
N GLY Y . 2.31 -6.20 0.16
CA GLY Y . 3.65 -5.77 -0.34
C GLY Y . 4.11 -4.44 0.25
O GLY Y . 4.94 -3.74 -0.34
OXT GLY Y . 3.66 -4.03 1.33
N GLY Z . 8.59 11.17 -18.06
CA GLY Z . 7.92 10.77 -16.77
C GLY Z . 6.44 10.43 -16.88
O GLY Z . 5.93 10.26 -17.98
OXT GLY Z . 5.72 10.35 -15.87
C1 MPD AA . -3.03 2.29 4.90
C2 MPD AA . -1.53 2.57 5.05
O2 MPD AA . -0.92 1.82 3.97
CM MPD AA . -1.33 4.06 4.97
C3 MPD AA . -0.96 2.07 6.40
C4 MPD AA . -0.90 0.53 6.50
O4 MPD AA . -0.08 -0.11 5.49
C5 MPD AA . -0.39 -0.06 7.82
C1 MPD BA . -9.30 12.39 3.22
C2 MPD BA . -7.95 12.45 3.93
O2 MPD BA . -7.15 13.50 3.36
CM MPD BA . -8.19 12.75 5.39
C3 MPD BA . -7.28 11.08 3.82
C4 MPD BA . -6.54 10.84 2.51
O4 MPD BA . -5.21 10.34 2.76
C5 MPD BA . -7.28 9.87 1.59
C1 MPD CA . -5.77 2.67 7.55
C2 MPD CA . -6.46 3.18 6.30
O2 MPD CA . -5.67 4.25 5.77
CM MPD CA . -6.60 2.05 5.30
C3 MPD CA . -7.84 3.73 6.68
C4 MPD CA . -8.63 4.40 5.55
O4 MPD CA . -7.80 4.99 4.53
C5 MPD CA . -9.61 3.43 4.88
C1 MPD DA . 12.75 10.51 0.29
C2 MPD DA . 13.18 11.86 -0.24
O2 MPD DA . 13.50 12.52 0.99
CM MPD DA . 14.41 11.73 -1.13
C3 MPD DA . 12.10 12.71 -0.96
C4 MPD DA . 11.12 11.96 -1.85
O4 MPD DA . 9.80 11.89 -1.24
C5 MPD DA . 11.04 12.58 -3.26
N1 DMN EA . 17.79 11.06 -4.36
C2 DMN EA . 17.96 10.17 -3.21
C3 DMN EA . 17.46 12.46 -4.14
N1 DMN FA . -3.65 7.59 2.31
C2 DMN FA . -4.54 7.91 1.21
C3 DMN FA . -4.15 7.33 3.67
N1 DMN GA . -1.52 14.59 2.65
C2 DMN GA . -1.24 15.34 1.46
C3 DMN GA . -2.70 13.74 2.74
N1 DMN HA . -13.03 -3.35 -11.41
C2 DMN HA . -12.25 -2.90 -10.28
C3 DMN HA . -14.15 -2.58 -11.90
N1 DMN IA . -13.52 -16.16 -8.39
C2 DMN IA . -12.13 -16.35 -7.99
C3 DMN IA . -13.86 -15.32 -9.53
N1 DMN JA . -21.13 -2.61 5.89
C2 DMN JA . -21.63 -3.42 4.79
C3 DMN JA . -21.36 -3.00 7.26
N1 DMN KA . -18.43 0.36 7.46
C2 DMN KA . -17.55 0.62 6.33
C3 DMN KA . -18.81 -1.01 7.79
N1 DMN LA . 26.53 -4.84 -13.54
C2 DMN LA . 27.70 -5.14 -12.75
C3 DMN LA . 26.66 -4.66 -14.97
N1 DMN MA . -16.68 4.54 9.48
C2 DMN MA . -15.81 5.33 8.63
C3 DMN MA . -17.58 3.56 8.91
N1 DMN NA . -22.11 2.21 -9.78
C2 DMN NA . -21.18 2.10 -10.89
C3 DMN NA . -22.14 1.13 -8.80
N1 DMN OA . -23.77 14.16 -0.13
C2 DMN OA . -25.09 13.90 0.43
C3 DMN OA . -22.77 13.12 -0.17
N1 DMN PA . 22.47 5.71 -7.48
C2 DMN PA . 23.08 5.54 -6.17
C3 DMN PA . 22.34 7.03 -8.10
N1 DMN QA . 13.16 -3.42 -15.14
C2 DMN QA . 12.75 -3.57 -13.77
C3 DMN QA . 12.28 -2.72 -16.04
N1 DMN RA . 5.41 -4.40 26.33
C2 DMN RA . 4.93 -5.27 25.25
C3 DMN RA . 4.38 -4.39 27.36
N GLY SA . -6.08 -27.48 6.18
CA GLY SA . -6.16 -26.38 5.17
C GLY SA . -5.40 -25.13 5.61
O GLY SA . -4.25 -25.23 5.99
OXT GLY SA . -5.94 -24.02 5.61
N GLY TA . 13.65 -10.98 4.17
CA GLY TA . 13.69 -10.86 5.67
C GLY TA . 14.96 -11.44 6.26
O GLY TA . 15.16 -11.52 7.49
OXT GLY TA . 15.83 -11.85 5.51
N GLY UA . 22.07 -7.37 7.51
CA GLY UA . 20.65 -7.13 7.11
C GLY UA . 19.68 -8.13 7.72
O GLY UA . 18.62 -8.39 7.21
OXT GLY UA . 19.95 -8.73 8.75
N GLY VA . 15.66 2.67 16.32
CA GLY VA . 14.18 2.96 16.22
C GLY VA . 13.44 1.65 16.07
O GLY VA . 12.71 1.38 15.11
OXT GLY VA . 13.59 0.81 16.94
N GLY WA . -2.37 -12.41 20.67
CA GLY WA . -2.09 -11.09 21.31
C GLY WA . -0.95 -10.41 20.59
O GLY WA . -1.17 -9.55 19.74
OXT GLY WA . 0.19 -10.73 20.84
N GLY XA . 0.91 -3.61 5.72
CA GLY XA . -0.45 -4.15 6.00
C GLY XA . -0.84 -5.26 5.05
O GLY XA . -0.31 -5.32 3.93
OXT GLY XA . -1.69 -6.11 5.38
N GLY YA . 2.41 -23.94 20.42
CA GLY YA . 2.20 -22.87 19.42
C GLY YA . 0.76 -22.73 18.99
O GLY YA . -0.07 -23.55 19.33
OXT GLY YA . 0.36 -21.80 18.27
N GLY ZA . 21.91 -0.21 13.22
CA GLY ZA . 22.59 -1.53 13.09
C GLY ZA . 23.71 -1.71 14.10
O GLY ZA . 23.48 -1.78 15.31
OXT GLY ZA . 24.88 -1.81 13.75
N GLY AB . 9.00 -11.80 7.02
CA GLY AB . 8.82 -13.03 6.21
C GLY AB . 10.17 -13.70 6.05
O GLY AB . 11.00 -13.56 6.94
OXT GLY AB . 10.46 -14.36 5.08
C1 MPD BB . -7.93 -26.67 10.83
C2 MPD BB . -6.78 -26.49 9.85
O2 MPD BB . -7.31 -26.69 8.53
CM MPD BB . -6.24 -25.08 9.93
C3 MPD BB . -5.69 -27.56 10.05
C4 MPD BB . -4.81 -27.36 11.30
O4 MPD BB . -5.21 -28.30 12.29
C5 MPD BB . -3.32 -27.58 11.01
C1 MPD CB . 14.73 -2.96 16.28
C2 MPD CB . 16.06 -2.73 16.99
O2 MPD CB . 15.87 -1.78 18.04
CM MPD CB . 16.53 -4.09 17.51
C3 MPD CB . 17.06 -2.10 16.03
C4 MPD CB . 18.26 -1.34 16.63
O4 MPD CB . 17.87 -0.23 17.48
C5 MPD CB . 19.17 -2.28 17.41
N1 DMN DB . 12.55 -16.09 9.40
C2 DMN DB . 13.40 -15.20 8.63
C3 DMN DB . 13.02 -17.38 9.90
N1 DMN EB . 0.17 -18.71 11.28
C2 DMN EB . 0.06 -19.80 12.21
C3 DMN EB . -0.61 -17.49 11.51
N1 DMN FB . 12.99 3.62 24.80
C2 DMN FB . 14.39 3.29 24.85
C3 DMN FB . 12.00 2.53 24.70
N1 DMN GB . 15.20 -0.70 25.01
C2 DMN GB . 15.64 -0.44 26.34
C3 DMN GB . 15.87 -0.06 23.94
N GLY HB . -9.82 10.47 31.16
CA GLY HB . -8.65 9.97 31.91
C GLY HB . -9.00 9.03 33.03
O GLY HB . -9.81 8.13 32.80
OXT GLY HB . -8.49 9.19 34.15
N GLY IB . -10.79 16.34 25.73
CA GLY IB . -11.79 15.70 26.64
C GLY IB . -13.10 15.39 25.93
O GLY IB . -13.51 16.11 25.02
OXT GLY IB . -13.79 14.42 26.23
N GLY JB . -5.83 1.71 40.93
CA GLY JB . -6.17 0.26 40.99
C GLY JB . -7.40 -0.15 40.18
O GLY JB . -7.85 0.50 39.20
OXT GLY JB . -7.99 -1.19 40.49
N GLY KB . -7.05 10.79 14.52
CA GLY KB . -6.00 11.08 15.55
C GLY KB . -6.64 11.50 16.86
O GLY KB . -6.68 12.68 17.20
OXT GLY KB . -7.14 10.65 17.62
N1 DMN LB . 7.63 9.09 22.96
C2 DMN LB . 6.29 8.50 22.98
C3 DMN LB . 8.82 8.29 23.28
N1 DMN MB . -7.22 6.10 15.18
C2 DMN MB . -5.92 5.74 15.74
C3 DMN MB . -8.07 5.10 14.57
N1 DMN NB . -22.12 5.47 15.68
C2 DMN NB . -21.62 6.86 15.75
C3 DMN NB . -23.56 5.21 15.69
N1 DMN OB . -1.40 14.64 15.01
C2 DMN OB . -0.62 15.40 14.03
C3 DMN OB . -2.86 14.65 14.89
#